data_3N53
#
_entry.id   3N53
#
_cell.length_a   34.004
_cell.length_b   44.932
_cell.length_c   88.681
_cell.angle_alpha   90.00
_cell.angle_beta   94.37
_cell.angle_gamma   90.00
#
_symmetry.space_group_name_H-M   'P 1 21 1'
#
loop_
_entity.id
_entity.type
_entity.pdbx_description
1 polymer 'Response regulator receiver modulated diguanylate cyclase'
2 water water
#
_entity_poly.entity_id   1
_entity_poly.type   'polypeptide(L)'
_entity_poly.pdbx_seq_one_letter_code
;(MSE)SLKKILIIDQQDFSRIELKNFLDSEYLVIESKNEKEALEQIDHHHPDLVILD(MSE)DIIGENSPNLCLKLKRSK
GLKNVPLILLFSSEHKEAIVNGLHSGADDYLTKPFNRNDLLSRIEIHLRTQNYYSDLRKNEGHHHHHH
;
_entity_poly.pdbx_strand_id   A,B
#
# COMPACT_ATOMS: atom_id res chain seq x y z
N LEU A 3 -6.98 -23.92 12.72
CA LEU A 3 -6.88 -23.05 11.51
C LEU A 3 -5.43 -22.77 11.14
N LYS A 4 -5.13 -22.78 9.84
CA LYS A 4 -3.79 -22.49 9.36
C LYS A 4 -3.68 -20.98 9.44
N LYS A 5 -2.46 -20.47 9.60
CA LYS A 5 -2.23 -19.03 9.68
C LYS A 5 -1.66 -18.47 8.39
N ILE A 6 -2.23 -17.36 7.94
CA ILE A 6 -1.76 -16.70 6.71
C ILE A 6 -1.34 -15.29 7.07
N LEU A 7 -0.13 -14.90 6.68
CA LEU A 7 0.33 -13.53 6.93
C LEU A 7 0.23 -12.82 5.59
N ILE A 8 -0.47 -11.68 5.58
CA ILE A 8 -0.57 -10.90 4.34
C ILE A 8 0.30 -9.66 4.57
N ILE A 9 1.06 -9.29 3.56
CA ILE A 9 1.94 -8.13 3.62
C ILE A 9 1.55 -7.26 2.43
N ASP A 10 0.98 -6.09 2.72
CA ASP A 10 0.53 -5.21 1.66
C ASP A 10 0.43 -3.78 2.16
N GLN A 11 1.11 -2.85 1.49
CA GLN A 11 1.09 -1.46 1.89
C GLN A 11 -0.25 -0.80 1.67
N GLN A 12 -0.89 -1.14 0.56
CA GLN A 12 -2.19 -0.57 0.23
C GLN A 12 -3.29 -1.10 1.14
N ASP A 13 -3.84 -0.23 1.96
CA ASP A 13 -4.89 -0.62 2.89
C ASP A 13 -6.13 -1.20 2.22
N PHE A 14 -6.56 -0.60 1.11
CA PHE A 14 -7.76 -1.11 0.44
C PHE A 14 -7.62 -2.57 0.01
N SER A 15 -6.53 -2.89 -0.68
CA SER A 15 -6.33 -4.25 -1.14
C SER A 15 -6.00 -5.19 0.03
N ARG A 16 -5.31 -4.66 1.04
CA ARG A 16 -4.95 -5.52 2.16
C ARG A 16 -6.20 -5.98 2.90
N ILE A 17 -7.14 -5.06 3.09
CA ILE A 17 -8.39 -5.36 3.77
C ILE A 17 -9.28 -6.24 2.92
N GLU A 18 -9.25 -6.04 1.62
CA GLU A 18 -10.07 -6.85 0.73
C GLU A 18 -9.57 -8.30 0.75
N LEU A 19 -8.26 -8.46 0.89
CA LEU A 19 -7.70 -9.80 0.91
C LEU A 19 -8.07 -10.50 2.22
N LYS A 20 -7.83 -9.82 3.33
CA LYS A 20 -8.12 -10.40 4.64
C LYS A 20 -9.60 -10.72 4.83
N ASN A 21 -10.46 -9.81 4.39
CA ASN A 21 -11.91 -10.03 4.51
C ASN A 21 -12.29 -11.29 3.77
N PHE A 22 -11.68 -11.48 2.61
CA PHE A 22 -11.94 -12.64 1.78
C PHE A 22 -11.39 -13.92 2.44
N LEU A 23 -10.18 -13.83 2.99
CA LEU A 23 -9.55 -15.00 3.61
C LEU A 23 -9.99 -15.32 5.04
N ASP A 24 -10.57 -14.36 5.74
CA ASP A 24 -10.99 -14.59 7.12
C ASP A 24 -11.98 -15.74 7.30
N SER A 25 -12.73 -16.08 6.26
CA SER A 25 -13.70 -17.18 6.40
C SER A 25 -13.05 -18.55 6.48
N GLU A 26 -11.85 -18.66 5.94
CA GLU A 26 -11.13 -19.93 5.88
C GLU A 26 -9.90 -20.05 6.78
N TYR A 27 -9.23 -18.95 7.10
CA TYR A 27 -8.03 -19.06 7.90
C TYR A 27 -7.86 -18.02 8.99
N LEU A 28 -6.83 -18.22 9.80
CA LEU A 28 -6.49 -17.28 10.85
C LEU A 28 -5.61 -16.32 10.05
N VAL A 29 -6.09 -15.09 9.84
CA VAL A 29 -5.35 -14.14 9.03
C VAL A 29 -4.70 -12.94 9.74
N ILE A 30 -3.39 -12.81 9.55
CA ILE A 30 -2.60 -11.72 10.11
C ILE A 30 -2.27 -10.73 9.00
N GLU A 31 -2.50 -9.45 9.25
CA GLU A 31 -2.19 -8.45 8.25
C GLU A 31 -0.91 -7.72 8.64
N SER A 32 -0.22 -7.18 7.64
CA SER A 32 1.03 -6.48 7.86
C SER A 32 1.13 -5.48 6.71
N LYS A 33 1.67 -4.29 6.96
CA LYS A 33 1.76 -3.28 5.91
C LYS A 33 3.18 -3.03 5.42
N ASN A 34 4.18 -3.47 6.18
CA ASN A 34 5.57 -3.29 5.76
C ASN A 34 6.48 -4.41 6.25
N GLU A 35 7.73 -4.38 5.78
CA GLU A 35 8.76 -5.38 6.13
C GLU A 35 8.96 -5.60 7.62
N LYS A 36 9.11 -4.52 8.38
CA LYS A 36 9.32 -4.68 9.82
C LYS A 36 8.10 -5.27 10.52
N GLU A 37 6.91 -4.82 10.15
CA GLU A 37 5.71 -5.40 10.76
C GLU A 37 5.71 -6.90 10.45
N ALA A 38 5.83 -7.22 9.16
CA ALA A 38 5.84 -8.61 8.70
C ALA A 38 6.79 -9.48 9.50
N LEU A 39 8.06 -9.08 9.56
CA LEU A 39 9.07 -9.83 10.29
C LEU A 39 8.67 -9.98 11.76
N GLU A 40 8.07 -8.95 12.33
CA GLU A 40 7.65 -9.05 13.72
C GLU A 40 6.50 -10.05 13.87
N GLN A 41 5.57 -10.03 12.92
CA GLN A 41 4.44 -10.95 12.98
C GLN A 41 4.95 -12.36 12.83
N ILE A 42 6.02 -12.53 12.05
CA ILE A 42 6.59 -13.84 11.85
C ILE A 42 7.19 -14.34 13.15
N ASP A 43 7.93 -13.49 13.85
CA ASP A 43 8.52 -13.92 15.12
C ASP A 43 7.42 -14.24 16.13
N HIS A 44 6.37 -13.43 16.17
CA HIS A 44 5.31 -13.67 17.14
C HIS A 44 4.34 -14.79 16.80
N HIS A 45 4.01 -14.97 15.53
CA HIS A 45 3.02 -15.97 15.17
C HIS A 45 3.42 -17.17 14.32
N HIS A 46 4.58 -17.10 13.68
CA HIS A 46 5.04 -18.18 12.79
C HIS A 46 3.93 -18.68 11.86
N PRO A 47 3.50 -17.83 10.92
CA PRO A 47 2.45 -18.21 9.96
C PRO A 47 2.79 -19.42 9.08
N ASP A 48 1.76 -20.12 8.63
CA ASP A 48 1.95 -21.30 7.80
C ASP A 48 2.13 -20.93 6.34
N LEU A 49 1.66 -19.75 5.96
CA LEU A 49 1.80 -19.32 4.60
C LEU A 49 1.86 -17.79 4.60
N VAL A 50 2.64 -17.24 3.68
CA VAL A 50 2.81 -15.80 3.58
C VAL A 50 2.42 -15.34 2.19
N ILE A 51 1.70 -14.22 2.11
CA ILE A 51 1.29 -13.66 0.84
C ILE A 51 1.90 -12.28 0.78
N LEU A 52 2.75 -12.05 -0.21
CA LEU A 52 3.42 -10.78 -0.32
C LEU A 52 2.99 -9.99 -1.54
N ASP A 53 2.54 -8.78 -1.31
CA ASP A 53 2.18 -7.93 -2.43
C ASP A 53 3.42 -7.06 -2.78
N MSE A 54 3.78 -7.04 -4.05
CA MSE A 54 4.92 -6.27 -4.54
C MSE A 54 4.88 -4.77 -4.23
O MSE A 54 5.91 -4.12 -4.17
CB MSE A 54 5.07 -6.45 -6.03
CG MSE A 54 5.77 -7.73 -6.42
SE MSE A 54 7.67 -7.64 -6.13
CE MSE A 54 7.79 -8.39 -4.35
N ASP A 55 3.70 -4.23 -4.05
CA ASP A 55 3.60 -2.80 -3.79
C ASP A 55 4.29 -2.33 -2.52
N ILE A 56 4.83 -3.25 -1.72
CA ILE A 56 5.51 -2.81 -0.50
C ILE A 56 6.99 -2.48 -0.74
N ASN A 63 14.66 -7.08 -2.69
CA ASN A 63 13.96 -8.35 -2.89
C ASN A 63 13.45 -8.82 -1.54
N LEU A 64 12.25 -8.41 -1.19
CA LEU A 64 11.68 -8.79 0.09
C LEU A 64 11.44 -10.28 0.25
N CYS A 65 11.32 -10.98 -0.88
CA CYS A 65 11.13 -12.43 -0.85
C CYS A 65 12.34 -13.01 -0.16
N LEU A 66 13.50 -12.61 -0.66
CA LEU A 66 14.80 -13.02 -0.15
C LEU A 66 14.86 -12.79 1.35
N LYS A 67 14.71 -11.53 1.75
CA LYS A 67 14.75 -11.16 3.16
C LYS A 67 13.89 -12.08 4.03
N LEU A 68 12.63 -12.29 3.62
CA LEU A 68 11.73 -13.16 4.38
C LEU A 68 12.26 -14.60 4.36
N LYS A 69 12.75 -15.01 3.20
CA LYS A 69 13.30 -16.35 3.00
C LYS A 69 14.61 -16.52 3.79
N ARG A 70 15.27 -15.40 4.05
CA ARG A 70 16.53 -15.41 4.78
C ARG A 70 16.20 -15.30 6.28
N SER A 71 14.94 -15.59 6.61
CA SER A 71 14.48 -15.50 8.00
C SER A 71 14.18 -16.84 8.65
N LYS A 72 14.65 -17.00 9.89
CA LYS A 72 14.44 -18.21 10.66
C LYS A 72 13.05 -18.12 11.30
N GLY A 73 12.05 -18.50 10.50
CA GLY A 73 10.67 -18.46 10.95
C GLY A 73 9.83 -18.81 9.73
N LEU A 74 10.51 -18.89 8.59
CA LEU A 74 9.87 -19.20 7.32
C LEU A 74 10.32 -20.54 6.72
N LYS A 75 10.91 -21.40 7.55
CA LYS A 75 11.33 -22.71 7.08
C LYS A 75 10.10 -23.56 6.82
N ASN A 76 9.97 -24.06 5.60
CA ASN A 76 8.84 -24.87 5.21
C ASN A 76 7.56 -24.05 5.10
N VAL A 77 7.69 -22.73 4.99
CA VAL A 77 6.51 -21.91 4.82
C VAL A 77 6.55 -21.27 3.43
N PRO A 78 5.58 -21.63 2.60
CA PRO A 78 5.56 -21.08 1.26
C PRO A 78 5.23 -19.59 1.24
N LEU A 79 5.75 -18.93 0.21
CA LEU A 79 5.57 -17.52 0.00
C LEU A 79 4.92 -17.37 -1.36
N ILE A 80 3.86 -16.58 -1.41
CA ILE A 80 3.15 -16.33 -2.66
C ILE A 80 3.33 -14.85 -2.93
N LEU A 81 3.72 -14.52 -4.16
CA LEU A 81 3.96 -13.13 -4.52
C LEU A 81 2.86 -12.62 -5.42
N LEU A 82 2.30 -11.47 -5.07
CA LEU A 82 1.26 -10.87 -5.90
C LEU A 82 1.88 -9.64 -6.51
N PHE A 83 1.73 -9.49 -7.82
CA PHE A 83 2.31 -8.34 -8.51
C PHE A 83 1.41 -7.81 -9.61
N SER A 84 1.50 -6.50 -9.83
CA SER A 84 0.72 -5.82 -10.85
C SER A 84 1.45 -5.86 -12.19
N SER A 85 1.06 -4.97 -13.09
CA SER A 85 1.68 -4.91 -14.41
C SER A 85 3.04 -4.22 -14.35
N ALA A 90 10.00 -9.20 -16.41
CA ALA A 90 10.90 -8.69 -15.38
C ALA A 90 10.97 -9.70 -14.25
N ILE A 91 9.82 -10.26 -13.89
CA ILE A 91 9.79 -11.28 -12.86
C ILE A 91 10.10 -12.52 -13.67
N VAL A 92 9.76 -12.43 -14.94
CA VAL A 92 9.96 -13.48 -15.92
C VAL A 92 11.43 -13.37 -16.29
N ASN A 93 12.00 -12.19 -16.04
CA ASN A 93 13.40 -11.93 -16.32
C ASN A 93 14.22 -12.49 -15.17
N GLY A 94 13.56 -12.75 -14.04
CA GLY A 94 14.25 -13.28 -12.87
C GLY A 94 14.22 -12.40 -11.64
N LEU A 95 13.75 -11.17 -11.78
CA LEU A 95 13.69 -10.25 -10.65
C LEU A 95 12.76 -10.76 -9.55
N HIS A 96 13.08 -10.42 -8.30
CA HIS A 96 12.29 -10.82 -7.15
C HIS A 96 12.00 -12.32 -7.11
N SER A 97 13.02 -13.11 -7.42
CA SER A 97 12.89 -14.56 -7.41
C SER A 97 12.93 -14.97 -5.94
N GLY A 98 12.68 -16.24 -5.66
CA GLY A 98 12.73 -16.70 -4.29
C GLY A 98 11.37 -17.05 -3.71
N ALA A 99 10.30 -16.68 -4.41
CA ALA A 99 8.94 -16.99 -3.96
C ALA A 99 8.56 -18.36 -4.45
N ASP A 100 7.54 -18.94 -3.83
CA ASP A 100 7.08 -20.27 -4.20
C ASP A 100 6.00 -20.22 -5.27
N ASP A 101 5.34 -19.07 -5.42
CA ASP A 101 4.29 -18.96 -6.44
C ASP A 101 4.05 -17.48 -6.76
N TYR A 102 3.66 -17.19 -7.99
CA TYR A 102 3.43 -15.81 -8.43
C TYR A 102 2.08 -15.57 -9.09
N LEU A 103 1.27 -14.68 -8.55
CA LEU A 103 -0.01 -14.37 -9.18
C LEU A 103 -0.01 -12.91 -9.62
N THR A 104 -0.50 -12.66 -10.82
CA THR A 104 -0.57 -11.28 -11.32
C THR A 104 -1.85 -10.68 -10.77
N LYS A 105 -1.87 -9.36 -10.68
CA LYS A 105 -3.05 -8.64 -10.20
C LYS A 105 -3.75 -8.02 -11.41
N PRO A 106 -5.09 -8.01 -11.40
CA PRO A 106 -5.95 -8.56 -10.35
C PRO A 106 -5.95 -10.09 -10.39
N PHE A 107 -6.13 -10.71 -9.22
CA PHE A 107 -6.14 -12.17 -9.15
C PHE A 107 -7.55 -12.70 -9.00
N ASN A 108 -7.75 -13.91 -9.50
CA ASN A 108 -9.02 -14.58 -9.38
C ASN A 108 -9.00 -15.11 -7.95
N ARG A 109 -9.93 -14.63 -7.13
CA ARG A 109 -10.01 -15.02 -5.74
C ARG A 109 -10.11 -16.52 -5.56
N ASN A 110 -10.85 -17.17 -6.44
CA ASN A 110 -11.02 -18.61 -6.35
C ASN A 110 -9.73 -19.36 -6.69
N ASP A 111 -8.93 -18.81 -7.60
CA ASP A 111 -7.66 -19.44 -7.95
C ASP A 111 -6.66 -19.28 -6.80
N LEU A 112 -6.68 -18.12 -6.15
CA LEU A 112 -5.76 -17.86 -5.04
C LEU A 112 -6.04 -18.82 -3.89
N LEU A 113 -7.32 -18.99 -3.61
CA LEU A 113 -7.80 -19.85 -2.55
C LEU A 113 -7.35 -21.29 -2.84
N SER A 114 -7.38 -21.66 -4.12
CA SER A 114 -6.97 -22.99 -4.56
C SER A 114 -5.47 -23.21 -4.36
N ARG A 115 -4.66 -22.25 -4.83
CA ARG A 115 -3.22 -22.35 -4.68
C ARG A 115 -2.82 -22.40 -3.22
N ILE A 116 -3.43 -21.53 -2.42
CA ILE A 116 -3.15 -21.48 -0.99
C ILE A 116 -3.41 -22.86 -0.40
N GLU A 117 -4.60 -23.39 -0.70
CA GLU A 117 -5.01 -24.70 -0.19
C GLU A 117 -4.05 -25.81 -0.64
N ILE A 118 -3.57 -25.72 -1.88
CA ILE A 118 -2.63 -26.72 -2.40
C ILE A 118 -1.28 -26.60 -1.71
N HIS A 119 -0.80 -25.35 -1.54
CA HIS A 119 0.47 -25.13 -0.86
C HIS A 119 0.41 -25.60 0.60
N LEU A 120 -0.69 -25.33 1.30
CA LEU A 120 -0.79 -25.78 2.69
C LEU A 120 -0.91 -27.31 2.74
N ARG A 121 -1.63 -27.88 1.77
CA ARG A 121 -1.81 -29.33 1.70
C ARG A 121 -0.45 -29.99 1.50
N THR A 122 0.39 -29.39 0.66
CA THR A 122 1.74 -29.92 0.41
C THR A 122 2.54 -29.78 1.69
N GLN A 123 2.30 -28.68 2.40
CA GLN A 123 2.97 -28.41 3.66
C GLN A 123 2.64 -29.51 4.67
N ASN A 124 1.38 -29.93 4.69
CA ASN A 124 0.90 -30.99 5.57
C ASN A 124 1.48 -32.33 5.13
N TYR A 125 1.50 -32.53 3.81
CA TYR A 125 2.03 -33.74 3.21
C TYR A 125 3.43 -34.01 3.76
N TYR A 126 4.27 -32.98 3.77
CA TYR A 126 5.63 -33.11 4.27
C TYR A 126 5.68 -33.19 5.79
N SER A 127 4.67 -32.61 6.44
CA SER A 127 4.62 -32.65 7.90
C SER A 127 4.31 -34.07 8.34
N ASP A 128 3.31 -34.68 7.69
CA ASP A 128 2.91 -36.03 8.00
C ASP A 128 4.01 -37.01 7.63
N LEU A 129 4.87 -36.59 6.72
CA LEU A 129 5.98 -37.42 6.27
C LEU A 129 7.08 -37.43 7.34
N LEU B 3 -6.12 27.49 -14.83
CA LEU B 3 -6.34 26.47 -13.75
C LEU B 3 -5.20 26.31 -12.78
N LYS B 4 -5.52 26.41 -11.50
CA LYS B 4 -4.54 26.26 -10.45
C LYS B 4 -4.13 24.79 -10.36
N LYS B 5 -2.84 24.58 -10.10
CA LYS B 5 -2.31 23.24 -9.99
C LYS B 5 -2.20 22.83 -8.52
N ILE B 6 -2.67 21.62 -8.21
CA ILE B 6 -2.60 21.11 -6.85
C ILE B 6 -1.87 19.77 -6.93
N LEU B 7 -0.89 19.59 -6.07
CA LEU B 7 -0.14 18.36 -6.03
C LEU B 7 -0.61 17.57 -4.82
N ILE B 8 -1.00 16.32 -5.05
CA ILE B 8 -1.44 15.46 -3.96
C ILE B 8 -0.31 14.49 -3.64
N ILE B 9 0.04 14.37 -2.37
CA ILE B 9 1.09 13.46 -1.95
C ILE B 9 0.45 12.47 -1.00
N ASP B 10 0.18 11.26 -1.49
CA ASP B 10 -0.48 10.25 -0.66
C ASP B 10 -0.08 8.84 -1.11
N GLN B 11 0.44 8.06 -0.16
CA GLN B 11 0.89 6.70 -0.42
C GLN B 11 -0.28 5.79 -0.78
N GLN B 12 -1.42 6.04 -0.15
CA GLN B 12 -2.60 5.24 -0.40
C GLN B 12 -3.28 5.56 -1.73
N ASP B 13 -3.23 4.60 -2.65
CA ASP B 13 -3.81 4.79 -3.99
C ASP B 13 -5.30 5.15 -3.96
N PHE B 14 -6.10 4.31 -3.30
CA PHE B 14 -7.54 4.53 -3.22
C PHE B 14 -7.88 5.93 -2.71
N SER B 15 -7.20 6.34 -1.65
CA SER B 15 -7.42 7.64 -1.05
C SER B 15 -6.94 8.75 -1.98
N ARG B 16 -5.81 8.51 -2.64
CA ARG B 16 -5.20 9.48 -3.55
C ARG B 16 -6.06 9.71 -4.79
N ILE B 17 -6.52 8.62 -5.40
CA ILE B 17 -7.35 8.70 -6.60
C ILE B 17 -8.66 9.39 -6.24
N GLU B 18 -9.18 9.06 -5.07
CA GLU B 18 -10.41 9.60 -4.54
C GLU B 18 -10.36 11.15 -4.43
N LEU B 19 -9.33 11.64 -3.77
CA LEU B 19 -9.17 13.08 -3.59
C LEU B 19 -8.93 13.74 -4.93
N LYS B 20 -8.24 13.02 -5.80
CA LYS B 20 -7.94 13.52 -7.14
C LYS B 20 -9.24 13.67 -7.94
N ASN B 21 -10.03 12.62 -8.01
CA ASN B 21 -11.28 12.70 -8.76
C ASN B 21 -12.19 13.79 -8.23
N PHE B 22 -12.05 14.09 -6.94
CA PHE B 22 -12.86 15.14 -6.35
C PHE B 22 -12.43 16.53 -6.83
N LEU B 23 -11.11 16.75 -6.88
CA LEU B 23 -10.56 18.03 -7.29
C LEU B 23 -10.40 18.22 -8.80
N ASP B 24 -10.52 17.13 -9.54
CA ASP B 24 -10.38 17.17 -11.00
C ASP B 24 -11.33 18.15 -11.70
N SER B 25 -12.53 18.31 -11.17
CA SER B 25 -13.52 19.19 -11.78
C SER B 25 -13.16 20.67 -11.77
N GLU B 26 -12.27 21.08 -10.87
CA GLU B 26 -11.92 22.50 -10.81
C GLU B 26 -10.44 22.82 -10.77
N TYR B 27 -9.60 21.80 -10.64
CA TYR B 27 -8.17 22.05 -10.58
C TYR B 27 -7.36 21.08 -11.41
N LEU B 28 -6.11 21.45 -11.68
CA LEU B 28 -5.20 20.59 -12.43
C LEU B 28 -4.51 19.80 -11.32
N VAL B 29 -4.89 18.54 -11.17
CA VAL B 29 -4.34 17.69 -10.11
C VAL B 29 -3.17 16.81 -10.51
N ILE B 30 -2.09 16.89 -9.72
CA ILE B 30 -0.90 16.11 -9.97
C ILE B 30 -0.78 15.11 -8.83
N GLU B 31 -0.26 13.92 -9.13
CA GLU B 31 -0.12 12.88 -8.12
C GLU B 31 1.31 12.47 -7.83
N SER B 32 1.57 12.18 -6.56
CA SER B 32 2.88 11.69 -6.13
C SER B 32 2.50 10.71 -5.02
N LYS B 33 3.36 9.73 -4.76
CA LYS B 33 3.06 8.71 -3.76
C LYS B 33 4.05 8.70 -2.60
N ASN B 34 5.13 9.46 -2.74
CA ASN B 34 6.16 9.53 -1.72
C ASN B 34 6.98 10.81 -1.88
N GLU B 35 7.98 10.97 -1.02
CA GLU B 35 8.85 12.14 -1.01
C GLU B 35 9.62 12.38 -2.31
N LYS B 36 10.36 11.38 -2.77
CA LYS B 36 11.14 11.51 -4.00
C LYS B 36 10.27 11.95 -5.17
N GLU B 37 9.10 11.32 -5.30
CA GLU B 37 8.17 11.64 -6.37
C GLU B 37 7.64 13.05 -6.21
N ALA B 38 7.18 13.37 -5.00
CA ALA B 38 6.64 14.70 -4.71
C ALA B 38 7.64 15.78 -5.09
N LEU B 39 8.91 15.59 -4.71
CA LEU B 39 9.94 16.56 -5.02
C LEU B 39 10.13 16.69 -6.53
N GLU B 40 9.97 15.60 -7.24
CA GLU B 40 10.12 15.63 -8.70
C GLU B 40 8.98 16.41 -9.33
N GLN B 41 7.75 16.10 -8.91
CA GLN B 41 6.58 16.79 -9.45
C GLN B 41 6.64 18.29 -9.21
N ILE B 42 7.03 18.68 -8.01
CA ILE B 42 7.12 20.09 -7.67
C ILE B 42 8.09 20.80 -8.61
N ASP B 43 9.23 20.16 -8.86
CA ASP B 43 10.27 20.70 -9.72
C ASP B 43 9.89 20.85 -11.19
N HIS B 44 9.05 19.95 -11.69
CA HIS B 44 8.67 20.01 -13.09
C HIS B 44 7.34 20.72 -13.36
N HIS B 45 6.47 20.78 -12.35
CA HIS B 45 5.17 21.40 -12.54
C HIS B 45 4.85 22.60 -11.67
N HIS B 46 5.71 22.88 -10.69
CA HIS B 46 5.50 24.00 -9.77
C HIS B 46 4.03 24.18 -9.41
N PRO B 47 3.48 23.26 -8.60
CA PRO B 47 2.07 23.40 -8.22
C PRO B 47 1.82 24.67 -7.43
N ASP B 48 0.57 25.06 -7.31
CA ASP B 48 0.22 26.27 -6.58
C ASP B 48 -0.19 25.95 -5.15
N LEU B 49 -0.38 24.67 -4.89
CA LEU B 49 -0.77 24.22 -3.57
C LEU B 49 -0.50 22.72 -3.46
N VAL B 50 -0.13 22.30 -2.25
CA VAL B 50 0.21 20.92 -1.98
C VAL B 50 -0.60 20.33 -0.84
N ILE B 51 -1.21 19.18 -1.11
CA ILE B 51 -2.00 18.47 -0.12
C ILE B 51 -1.19 17.22 0.22
N LEU B 52 -0.73 17.16 1.46
CA LEU B 52 0.11 16.05 1.95
C LEU B 52 -0.53 15.19 3.02
N ASP B 53 -0.68 13.90 2.73
CA ASP B 53 -1.26 12.97 3.67
C ASP B 53 -0.11 12.50 4.54
N MSE B 54 -0.29 12.62 5.84
CA MSE B 54 0.74 12.28 6.79
C MSE B 54 0.91 10.83 7.17
O MSE B 54 1.83 10.49 7.90
CB MSE B 54 0.56 13.10 8.06
CG MSE B 54 1.85 13.66 8.60
SE MSE B 54 2.61 15.03 7.41
CE MSE B 54 0.98 15.74 6.70
N ASP B 55 0.04 9.97 6.68
CA ASP B 55 0.12 8.57 7.05
C ASP B 55 1.03 7.78 6.10
N ASN B 63 9.20 17.31 9.49
CA ASN B 63 10.44 17.25 8.71
C ASN B 63 10.11 17.33 7.21
N LEU B 64 9.30 16.39 6.75
CA LEU B 64 8.91 16.34 5.35
C LEU B 64 8.31 17.69 4.94
N CYS B 65 7.56 18.30 5.85
CA CYS B 65 6.92 19.59 5.61
C CYS B 65 7.98 20.66 5.34
N LEU B 66 8.93 20.78 6.26
CA LEU B 66 10.00 21.76 6.10
C LEU B 66 10.78 21.41 4.86
N LYS B 67 10.97 20.10 4.67
CA LYS B 67 11.71 19.57 3.52
C LYS B 67 11.37 20.34 2.25
N LEU B 68 10.12 20.81 2.14
CA LEU B 68 9.70 21.58 0.97
C LEU B 68 10.20 23.01 1.11
N VAL B 77 3.31 29.15 -1.79
CA VAL B 77 2.68 27.83 -1.99
C VAL B 77 2.28 27.19 -0.67
N PRO B 78 0.97 27.18 -0.38
CA PRO B 78 0.43 26.60 0.86
C PRO B 78 0.48 25.07 0.89
N LEU B 79 0.79 24.54 2.08
CA LEU B 79 0.89 23.10 2.31
C LEU B 79 -0.24 22.69 3.27
N ILE B 80 -1.18 21.87 2.79
CA ILE B 80 -2.27 21.41 3.64
C ILE B 80 -2.00 19.99 4.09
N LEU B 81 -1.99 19.78 5.40
CA LEU B 81 -1.74 18.46 5.95
C LEU B 81 -3.01 17.72 6.32
N LEU B 82 -3.06 16.45 5.95
CA LEU B 82 -4.20 15.58 6.23
C LEU B 82 -3.66 14.46 7.10
N PHE B 83 -4.32 14.20 8.22
CA PHE B 83 -3.86 13.15 9.12
C PHE B 83 -5.00 12.47 9.88
N SER B 84 -4.68 11.33 10.47
CA SER B 84 -5.63 10.56 11.26
C SER B 84 -5.59 11.07 12.69
N ALA B 99 3.60 24.02 7.76
CA ALA B 99 2.34 23.68 7.11
C ALA B 99 1.33 24.78 7.33
N ASP B 100 0.66 25.18 6.26
CA ASP B 100 -0.32 26.24 6.36
C ASP B 100 -1.67 25.81 6.93
N ASP B 101 -2.00 24.53 6.86
CA ASP B 101 -3.28 24.05 7.40
C ASP B 101 -3.27 22.58 7.78
N TYR B 102 -4.27 22.17 8.55
CA TYR B 102 -4.41 20.80 9.02
C TYR B 102 -5.86 20.37 8.96
N LEU B 103 -6.09 19.13 8.57
CA LEU B 103 -7.43 18.56 8.48
C LEU B 103 -7.39 17.11 8.95
N THR B 104 -8.21 16.79 9.94
CA THR B 104 -8.24 15.43 10.47
C THR B 104 -9.20 14.57 9.68
N LYS B 105 -8.78 13.36 9.34
CA LYS B 105 -9.61 12.43 8.58
C LYS B 105 -10.51 11.62 9.52
N PRO B 106 -11.78 11.43 9.16
CA PRO B 106 -12.45 11.91 7.94
C PRO B 106 -12.64 13.42 7.98
N PHE B 107 -12.73 14.02 6.80
CA PHE B 107 -12.92 15.46 6.67
C PHE B 107 -13.97 15.79 5.64
N ASN B 108 -14.75 16.83 5.92
CA ASN B 108 -15.79 17.28 5.02
C ASN B 108 -15.14 17.72 3.71
N ARG B 109 -15.65 17.26 2.59
CA ARG B 109 -15.09 17.63 1.30
C ARG B 109 -15.31 19.10 0.95
N ASN B 110 -16.51 19.61 1.21
CA ASN B 110 -16.80 21.01 0.92
C ASN B 110 -15.89 21.95 1.68
N ASP B 111 -15.54 21.59 2.90
CA ASP B 111 -14.65 22.43 3.70
C ASP B 111 -13.26 22.46 3.05
N LEU B 112 -12.86 21.32 2.49
CA LEU B 112 -11.55 21.24 1.84
C LEU B 112 -11.51 22.16 0.64
N LEU B 113 -12.56 22.12 -0.17
CA LEU B 113 -12.64 22.99 -1.35
C LEU B 113 -12.59 24.44 -0.93
N SER B 114 -13.17 24.74 0.24
CA SER B 114 -13.20 26.09 0.78
C SER B 114 -11.79 26.54 1.17
N ARG B 115 -11.12 25.72 1.98
CA ARG B 115 -9.77 26.06 2.42
C ARG B 115 -8.82 26.18 1.24
N ILE B 116 -9.00 25.29 0.27
CA ILE B 116 -8.16 25.35 -0.92
C ILE B 116 -8.40 26.69 -1.60
N GLU B 117 -9.65 27.01 -1.86
CA GLU B 117 -9.98 28.29 -2.50
C GLU B 117 -9.38 29.48 -1.73
N ILE B 118 -9.62 29.53 -0.42
CA ILE B 118 -9.12 30.63 0.40
C ILE B 118 -7.60 30.69 0.42
N HIS B 119 -6.96 29.53 0.56
CA HIS B 119 -5.50 29.49 0.60
C HIS B 119 -4.86 30.01 -0.69
N LEU B 120 -5.46 29.65 -1.82
CA LEU B 120 -4.93 30.09 -3.10
C LEU B 120 -5.05 31.60 -3.24
N ARG B 121 -6.26 32.13 -3.07
CA ARG B 121 -6.47 33.58 -3.17
C ARG B 121 -5.38 34.31 -2.41
N THR B 122 -5.24 33.93 -1.14
CA THR B 122 -4.27 34.53 -0.24
C THR B 122 -2.88 34.74 -0.83
N GLN B 123 -2.36 33.77 -1.57
CA GLN B 123 -1.02 33.95 -2.12
C GLN B 123 -1.03 34.79 -3.40
N ASN B 124 -2.22 35.11 -3.91
CA ASN B 124 -2.31 35.94 -5.11
C ASN B 124 -1.79 37.34 -4.78
#